data_4RTP
#
_entry.id   4RTP
#
_cell.length_a   35.817
_cell.length_b   63.225
_cell.length_c   144.102
_cell.angle_alpha   90.00
_cell.angle_beta   90.00
_cell.angle_gamma   90.00
#
_symmetry.space_group_name_H-M   'P 21 21 21'
#
loop_
_entity.id
_entity.type
_entity.pdbx_description
1 polymer 'DNA adenine methylase'
2 polymer "DNA (5'-D(*TP*TP*TP*AP*AP*AP*GP*AP*TP*CP*G)-3')"
3 polymer "DNA (5'-D(*AP*CP*GP*AP*TP*CP*TP*TP*TP*AP*A)-3')"
4 non-polymer S-ADENOSYLMETHIONINE
5 water water
#
loop_
_entity_poly.entity_id
_entity_poly.type
_entity_poly.pdbx_seq_one_letter_code
_entity_poly.pdbx_strand_id
1 'polypeptide(L)'
;MGSSHHHHHHSSGLVPRGSHMKKNRAFLKWAGGKYPLLDDIKRHLPKGECLVEPFVGAGSVFLNTDFSRYILADINSDLI
SLYNIVKMRTDEYVQAARELFVPETNCAEVYYQFREEFNKSQDPFRRAVLFLYLNRYGYNGLCRYNLRGEFNVPFGRYKK
PYFPEAELYHFAEKAQNAFFYCESYADSMARADDSSVVYCDPPYAPLSATANFTAYHTNSFTLEQQAHLAEIAEGLVERH
IPVLISNHDTMLTREWYQRAKLHVVKVRRSISSNGGTRKKVDELLALYKPGVVSPAKK
;
A
2 'polydeoxyribonucleotide' (DT)(DT)(DT)(DA)(DA)(DA)(DG)(DA)(DT)(DC)(DG) F
3 'polydeoxyribonucleotide' (DA)(DC)(DG)(DA)(DT)(DC)(DT)(DT)(DT)(DA)(DA) G
#
# COMPACT_ATOMS: atom_id res chain seq x y z
N LYS A 23 12.73 -11.13 4.91
CA LYS A 23 11.89 -10.10 4.34
C LYS A 23 10.41 -10.42 4.54
N ASN A 24 9.74 -9.61 5.36
CA ASN A 24 8.34 -9.82 5.66
C ASN A 24 7.44 -9.53 4.45
N ARG A 25 6.59 -10.49 4.11
CA ARG A 25 5.66 -10.31 2.99
C ARG A 25 4.30 -9.84 3.47
N ALA A 26 3.67 -8.98 2.66
CA ALA A 26 2.32 -8.52 2.95
C ALA A 26 1.34 -9.68 2.75
N PHE A 27 0.17 -9.60 3.39
CA PHE A 27 -0.81 -10.66 3.25
C PHE A 27 -1.71 -10.42 2.05
N LEU A 28 -1.48 -9.30 1.35
CA LEU A 28 -2.25 -8.96 0.17
C LEU A 28 -1.39 -8.95 -1.09
N LYS A 29 -1.97 -9.41 -2.20
CA LYS A 29 -1.38 -9.16 -3.51
C LYS A 29 -1.68 -7.71 -3.86
N TRP A 30 -0.64 -6.92 -4.13
CA TRP A 30 -0.85 -5.51 -4.40
C TRP A 30 0.23 -4.94 -5.30
N ALA A 31 -0.13 -3.90 -6.06
CA ALA A 31 0.81 -3.23 -6.93
C ALA A 31 1.90 -2.53 -6.12
N GLY A 32 3.07 -2.40 -6.68
CA GLY A 32 4.16 -1.75 -5.97
C GLY A 32 4.60 -2.41 -4.70
N GLY A 33 4.67 -3.72 -4.72
CA GLY A 33 5.21 -4.46 -3.60
C GLY A 33 6.65 -4.09 -3.40
N LYS A 34 7.37 -3.93 -4.49
CA LYS A 34 8.70 -3.38 -4.42
C LYS A 34 9.63 -4.17 -3.54
N TYR A 35 9.47 -5.48 -3.51
CA TYR A 35 10.30 -6.31 -2.66
C TYR A 35 11.77 -6.29 -3.01
N PRO A 36 12.09 -6.28 -4.30
CA PRO A 36 13.52 -6.28 -4.67
C PRO A 36 14.27 -5.04 -4.20
N LEU A 37 13.61 -3.89 -4.17
CA LEU A 37 14.28 -2.64 -3.82
C LEU A 37 13.96 -2.18 -2.40
N LEU A 38 13.45 -3.08 -1.57
CA LEU A 38 13.23 -2.78 -0.15
C LEU A 38 14.56 -2.49 0.52
N ASP A 39 15.61 -3.15 0.04
CA ASP A 39 16.96 -2.99 0.58
C ASP A 39 17.50 -1.58 0.31
N ASP A 40 17.14 -1.03 -0.85
CA ASP A 40 17.60 0.29 -1.24
C ASP A 40 16.84 1.37 -0.48
N ILE A 41 15.56 1.11 -0.19
CA ILE A 41 14.73 2.05 0.55
C ILE A 41 15.28 2.28 1.95
N LYS A 42 15.50 1.18 2.67
CA LYS A 42 15.99 1.24 4.04
C LYS A 42 17.34 1.93 4.16
N ARG A 43 18.17 1.77 3.13
CA ARG A 43 19.51 2.36 3.13
C ARG A 43 19.46 3.86 2.90
N HIS A 44 18.38 4.33 2.26
CA HIS A 44 18.24 5.75 1.96
C HIS A 44 17.17 6.42 2.81
N LEU A 45 16.50 5.63 3.65
CA LEU A 45 15.45 6.17 4.51
C LEU A 45 16.03 6.57 5.87
N PRO A 46 15.96 7.86 6.20
CA PRO A 46 16.50 8.41 7.45
C PRO A 46 15.84 7.83 8.69
N LYS A 47 16.43 8.10 9.86
CA LYS A 47 15.89 7.61 11.12
C LYS A 47 14.95 8.63 11.75
N GLY A 48 13.95 8.15 12.47
CA GLY A 48 12.99 9.01 13.11
C GLY A 48 12.10 8.24 14.08
N GLU A 49 11.26 8.95 14.81
CA GLU A 49 10.37 8.33 15.77
C GLU A 49 9.15 7.73 15.08
N CYS A 50 8.61 8.45 14.10
CA CYS A 50 7.42 8.01 13.40
C CYS A 50 7.63 7.96 11.89
N LEU A 51 7.01 6.97 11.24
CA LEU A 51 7.06 6.86 9.79
C LEU A 51 5.70 7.19 9.19
N VAL A 52 5.69 8.05 8.18
CA VAL A 52 4.47 8.44 7.50
C VAL A 52 4.45 7.91 6.07
N GLU A 53 3.44 7.12 5.75
CA GLU A 53 3.27 6.59 4.40
C GLU A 53 1.92 7.00 3.81
N PRO A 54 1.94 7.97 2.88
CA PRO A 54 0.75 8.45 2.18
C PRO A 54 0.19 7.42 1.21
N PHE A 55 1.04 6.51 0.74
CA PHE A 55 0.62 5.46 -0.18
C PHE A 55 1.02 4.10 0.37
N VAL A 56 0.39 3.68 1.47
CA VAL A 56 0.83 2.49 2.17
C VAL A 56 0.65 1.21 1.35
N GLY A 57 -0.45 1.13 0.61
CA GLY A 57 -0.76 -0.06 -0.19
C GLY A 57 -0.73 -1.34 0.61
N ALA A 58 0.15 -2.26 0.20
CA ALA A 58 0.31 -3.53 0.90
C ALA A 58 1.15 -3.35 2.16
N GLY A 59 1.85 -2.22 2.25
CA GLY A 59 2.63 -1.89 3.43
C GLY A 59 3.88 -2.73 3.61
N SER A 60 4.60 -2.99 2.52
CA SER A 60 5.81 -3.79 2.59
C SER A 60 6.91 -3.06 3.35
N VAL A 61 6.97 -1.74 3.18
CA VAL A 61 7.94 -0.93 3.89
C VAL A 61 7.63 -0.91 5.39
N PHE A 62 6.35 -0.77 5.70
CA PHE A 62 5.87 -0.78 7.07
C PHE A 62 6.20 -2.11 7.77
N LEU A 63 6.07 -3.20 7.04
CA LEU A 63 6.32 -4.53 7.59
C LEU A 63 7.80 -4.85 7.68
N ASN A 64 8.63 -4.11 6.95
CA ASN A 64 10.06 -4.38 6.91
C ASN A 64 10.91 -3.24 7.45
N THR A 65 10.32 -2.41 8.31
CA THR A 65 11.06 -1.38 9.03
C THR A 65 10.76 -1.47 10.52
N ASP A 66 11.47 -0.68 11.32
CA ASP A 66 11.26 -0.71 12.76
C ASP A 66 11.20 0.69 13.35
N PHE A 67 10.06 1.35 13.16
CA PHE A 67 9.82 2.66 13.74
C PHE A 67 8.93 2.53 14.98
N SER A 68 9.06 3.48 15.90
CA SER A 68 8.26 3.49 17.12
C SER A 68 6.78 3.66 16.79
N ARG A 69 6.48 4.59 15.89
CA ARG A 69 5.11 4.85 15.49
C ARG A 69 4.98 4.86 13.97
N TYR A 70 3.79 4.56 13.47
CA TYR A 70 3.52 4.57 12.05
C TYR A 70 2.23 5.33 11.74
N ILE A 71 2.30 6.22 10.76
CA ILE A 71 1.09 6.85 10.21
C ILE A 71 0.91 6.36 8.79
N LEU A 72 -0.05 5.45 8.61
CA LEU A 72 -0.25 4.80 7.33
C LEU A 72 -1.55 5.25 6.67
N ALA A 73 -1.45 5.70 5.42
CA ALA A 73 -2.61 6.24 4.73
C ALA A 73 -2.72 5.74 3.30
N ASP A 74 -3.94 5.74 2.78
CA ASP A 74 -4.20 5.33 1.40
C ASP A 74 -5.57 5.86 0.97
N ILE A 75 -5.74 6.07 -0.32
CA ILE A 75 -6.99 6.62 -0.84
C ILE A 75 -8.07 5.53 -0.92
N ASN A 76 -7.63 4.27 -0.88
CA ASN A 76 -8.54 3.13 -0.96
C ASN A 76 -9.18 2.84 0.39
N SER A 77 -10.50 3.04 0.47
CA SER A 77 -11.22 2.87 1.72
C SER A 77 -11.39 1.40 2.11
N ASP A 78 -11.56 0.53 1.13
CA ASP A 78 -11.66 -0.89 1.39
C ASP A 78 -10.38 -1.41 2.02
N LEU A 79 -9.25 -0.94 1.50
CA LEU A 79 -7.94 -1.30 2.02
C LEU A 79 -7.77 -0.85 3.47
N ILE A 80 -8.08 0.42 3.73
CA ILE A 80 -7.94 0.99 5.06
C ILE A 80 -8.89 0.33 6.06
N SER A 81 -10.13 0.11 5.63
CA SER A 81 -11.13 -0.57 6.47
C SER A 81 -10.67 -1.98 6.84
N LEU A 82 -10.08 -2.68 5.87
CA LEU A 82 -9.55 -4.02 6.10
C LEU A 82 -8.45 -3.99 7.15
N TYR A 83 -7.55 -3.01 7.05
CA TYR A 83 -6.42 -2.89 7.97
C TYR A 83 -6.88 -2.63 9.40
N ASN A 84 -7.94 -1.84 9.54
CA ASN A 84 -8.50 -1.56 10.86
C ASN A 84 -9.16 -2.79 11.48
N ILE A 85 -9.86 -3.55 10.65
CA ILE A 85 -10.51 -4.78 11.11
C ILE A 85 -9.49 -5.82 11.56
N VAL A 86 -8.47 -6.03 10.75
CA VAL A 86 -7.40 -6.98 11.06
C VAL A 86 -6.70 -6.60 12.36
N LYS A 87 -6.48 -5.31 12.55
CA LYS A 87 -5.81 -4.80 13.75
C LYS A 87 -6.64 -5.00 15.01
N MET A 88 -7.90 -4.60 14.98
CA MET A 88 -8.74 -4.59 16.17
C MET A 88 -9.42 -5.93 16.44
N ARG A 89 -9.67 -6.72 15.40
CA ARG A 89 -10.41 -7.95 15.54
C ARG A 89 -9.68 -9.12 14.86
N THR A 90 -8.43 -9.32 15.23
CA THR A 90 -7.54 -10.26 14.55
C THR A 90 -8.03 -11.71 14.55
N ASP A 91 -8.19 -12.28 15.74
CA ASP A 91 -8.56 -13.68 15.87
C ASP A 91 -9.94 -13.95 15.27
N GLU A 92 -10.87 -13.03 15.48
CA GLU A 92 -12.21 -13.15 14.91
C GLU A 92 -12.16 -13.13 13.39
N TYR A 93 -11.32 -12.26 12.84
CA TYR A 93 -11.21 -12.10 11.40
C TYR A 93 -10.56 -13.32 10.74
N VAL A 94 -9.43 -13.74 11.29
CA VAL A 94 -8.68 -14.87 10.76
C VAL A 94 -9.54 -16.13 10.68
N GLN A 95 -10.30 -16.39 11.74
CA GLN A 95 -11.18 -17.54 11.79
C GLN A 95 -12.26 -17.50 10.70
N ALA A 96 -12.83 -16.31 10.49
CA ALA A 96 -13.89 -16.14 9.50
C ALA A 96 -13.35 -16.17 8.07
N ALA A 97 -12.17 -15.57 7.88
CA ALA A 97 -11.57 -15.49 6.54
C ALA A 97 -11.02 -16.83 6.08
N ARG A 98 -10.62 -17.66 7.03
CA ARG A 98 -10.01 -18.95 6.72
C ARG A 98 -11.04 -19.91 6.13
N GLU A 99 -12.29 -19.67 6.42
CA GLU A 99 -13.41 -20.42 5.86
C GLU A 99 -13.54 -20.25 4.37
N LEU A 100 -13.18 -19.08 3.90
CA LEU A 100 -13.16 -18.82 2.47
C LEU A 100 -12.09 -19.55 1.69
N PHE A 101 -10.96 -19.82 2.29
CA PHE A 101 -9.88 -20.51 1.60
C PHE A 101 -9.92 -22.03 1.68
N VAL A 102 -10.86 -22.64 1.01
CA VAL A 102 -10.99 -24.08 0.93
C VAL A 102 -11.32 -24.41 -0.51
N PRO A 103 -11.08 -25.65 -0.93
CA PRO A 103 -11.20 -26.07 -2.33
C PRO A 103 -12.56 -25.73 -2.97
N GLU A 104 -13.63 -25.80 -2.20
CA GLU A 104 -14.98 -25.61 -2.74
C GLU A 104 -15.22 -24.18 -3.26
N THR A 105 -14.44 -23.22 -2.74
CA THR A 105 -14.62 -21.83 -3.13
C THR A 105 -13.73 -21.44 -4.31
N ASN A 106 -12.94 -22.40 -4.79
CA ASN A 106 -12.04 -22.14 -5.91
C ASN A 106 -12.68 -22.47 -7.25
N CYS A 107 -13.74 -21.74 -7.58
CA CYS A 107 -14.38 -21.87 -8.88
C CYS A 107 -15.13 -20.58 -9.24
N ALA A 108 -15.45 -20.44 -10.52
CA ALA A 108 -16.03 -19.21 -11.04
C ALA A 108 -17.35 -18.84 -10.38
N GLU A 109 -18.28 -19.78 -10.33
CA GLU A 109 -19.63 -19.51 -9.83
C GLU A 109 -19.63 -19.02 -8.39
N VAL A 110 -18.83 -19.66 -7.53
CA VAL A 110 -18.73 -19.25 -6.13
C VAL A 110 -18.06 -17.87 -6.04
N TYR A 111 -17.03 -17.65 -6.86
CA TYR A 111 -16.30 -16.39 -6.87
C TYR A 111 -17.21 -15.20 -7.17
N TYR A 112 -18.03 -15.32 -8.21
CA TYR A 112 -18.85 -14.20 -8.64
C TYR A 112 -20.00 -13.92 -7.68
N GLN A 113 -20.39 -14.93 -6.91
CA GLN A 113 -21.41 -14.73 -5.88
C GLN A 113 -20.80 -13.99 -4.68
N PHE A 114 -19.57 -14.36 -4.31
CA PHE A 114 -18.86 -13.68 -3.25
C PHE A 114 -18.53 -12.24 -3.64
N ARG A 115 -18.20 -12.05 -4.91
CA ARG A 115 -17.93 -10.71 -5.43
C ARG A 115 -19.20 -9.86 -5.37
N GLU A 116 -20.33 -10.47 -5.68
CA GLU A 116 -21.62 -9.80 -5.61
C GLU A 116 -21.99 -9.49 -4.16
N GLU A 117 -21.74 -10.45 -3.28
CA GLU A 117 -22.01 -10.28 -1.85
C GLU A 117 -21.17 -9.15 -1.27
N PHE A 118 -19.92 -9.06 -1.71
CA PHE A 118 -19.02 -8.00 -1.28
C PHE A 118 -19.56 -6.62 -1.68
N ASN A 119 -19.97 -6.50 -2.93
CA ASN A 119 -20.45 -5.22 -3.46
C ASN A 119 -21.80 -4.81 -2.87
N LYS A 120 -22.52 -5.76 -2.30
CA LYS A 120 -23.83 -5.48 -1.73
C LYS A 120 -23.82 -5.44 -0.20
N SER A 121 -22.70 -5.85 0.40
CA SER A 121 -22.59 -5.92 1.86
C SER A 121 -22.49 -4.54 2.49
N GLN A 122 -23.13 -4.38 3.65
CA GLN A 122 -23.07 -3.13 4.40
C GLN A 122 -22.18 -3.29 5.63
N ASP A 123 -21.76 -4.52 5.89
CA ASP A 123 -20.95 -4.83 7.07
C ASP A 123 -19.46 -4.76 6.76
N PRO A 124 -18.73 -3.86 7.44
CA PRO A 124 -17.28 -3.71 7.29
C PRO A 124 -16.51 -5.00 7.55
N PHE A 125 -16.92 -5.77 8.55
CA PHE A 125 -16.25 -7.03 8.86
C PHE A 125 -16.41 -8.04 7.73
N ARG A 126 -17.64 -8.20 7.26
CA ARG A 126 -17.93 -9.13 6.19
C ARG A 126 -17.23 -8.72 4.90
N ARG A 127 -17.23 -7.42 4.61
CA ARG A 127 -16.53 -6.89 3.43
C ARG A 127 -15.02 -7.13 3.54
N ALA A 128 -14.47 -6.99 4.74
CA ALA A 128 -13.06 -7.21 4.96
C ALA A 128 -12.69 -8.67 4.74
N VAL A 129 -13.57 -9.56 5.17
CA VAL A 129 -13.38 -11.00 4.97
C VAL A 129 -13.38 -11.35 3.49
N LEU A 130 -14.39 -10.86 2.77
CA LEU A 130 -14.51 -11.14 1.35
C LEU A 130 -13.41 -10.49 0.54
N PHE A 131 -12.93 -9.34 1.01
CA PHE A 131 -11.89 -8.59 0.30
C PHE A 131 -10.61 -9.41 0.18
N LEU A 132 -10.29 -10.18 1.21
CA LEU A 132 -9.09 -11.02 1.20
C LEU A 132 -9.26 -12.18 0.22
N TYR A 133 -10.46 -12.75 0.20
CA TYR A 133 -10.79 -13.81 -0.73
C TYR A 133 -10.68 -13.33 -2.17
N LEU A 134 -11.28 -12.19 -2.46
CA LEU A 134 -11.27 -11.61 -3.80
C LEU A 134 -9.85 -11.27 -4.25
N ASN A 135 -9.03 -10.82 -3.31
CA ASN A 135 -7.64 -10.45 -3.61
C ASN A 135 -6.79 -11.68 -3.97
N ARG A 136 -7.13 -12.82 -3.40
CA ARG A 136 -6.34 -14.03 -3.57
C ARG A 136 -6.87 -14.95 -4.68
N TYR A 137 -8.16 -14.86 -4.96
CA TYR A 137 -8.79 -15.70 -5.97
C TYR A 137 -9.04 -14.95 -7.27
N GLY A 138 -8.98 -13.62 -7.23
CA GLY A 138 -9.17 -12.80 -8.37
C GLY A 138 -7.99 -12.72 -9.27
N TYR A 139 -8.19 -12.24 -10.48
CA TYR A 139 -7.21 -12.25 -11.52
C TYR A 139 -6.10 -11.26 -11.29
N ASN A 140 -4.90 -11.79 -11.19
CA ASN A 140 -3.67 -11.06 -11.01
C ASN A 140 -3.64 -10.33 -9.71
N GLY A 141 -4.52 -10.71 -8.81
CA GLY A 141 -4.57 -10.01 -7.55
C GLY A 141 -4.90 -8.54 -7.72
N LEU A 142 -5.58 -8.21 -8.81
CA LEU A 142 -5.91 -6.82 -9.12
C LEU A 142 -6.99 -6.29 -8.20
N CYS A 143 -7.07 -4.97 -8.11
CA CYS A 143 -8.15 -4.30 -7.38
C CYS A 143 -8.75 -3.23 -8.30
N ARG A 144 -9.83 -3.59 -8.98
CA ARG A 144 -10.43 -2.70 -9.97
C ARG A 144 -11.89 -2.43 -9.64
N TYR A 145 -12.30 -1.18 -9.81
CA TYR A 145 -13.69 -0.79 -9.59
C TYR A 145 -14.26 -0.11 -10.83
N ASN A 146 -15.57 -0.18 -10.99
CA ASN A 146 -16.24 0.66 -11.97
C ASN A 146 -16.59 1.99 -11.32
N LEU A 147 -17.25 2.87 -12.06
CA LEU A 147 -17.59 4.19 -11.52
C LEU A 147 -18.75 4.11 -10.52
N ARG A 148 -19.38 2.93 -10.45
CA ARG A 148 -20.46 2.71 -9.50
C ARG A 148 -19.91 2.27 -8.14
N GLY A 149 -18.59 2.16 -8.07
CA GLY A 149 -17.92 1.78 -6.84
C GLY A 149 -17.91 0.28 -6.60
N GLU A 150 -18.16 -0.48 -7.66
CA GLU A 150 -18.26 -1.94 -7.55
C GLU A 150 -16.98 -2.65 -8.00
N PHE A 151 -16.52 -3.57 -7.18
CA PHE A 151 -15.37 -4.41 -7.49
C PHE A 151 -15.72 -5.35 -8.65
N ASN A 152 -14.98 -5.24 -9.76
CA ASN A 152 -15.33 -6.00 -10.96
C ASN A 152 -14.17 -6.77 -11.58
N VAL A 153 -13.31 -7.32 -10.73
CA VAL A 153 -12.20 -8.16 -11.19
C VAL A 153 -12.68 -9.60 -11.38
N PRO A 154 -12.44 -10.17 -12.56
CA PRO A 154 -12.90 -11.53 -12.87
C PRO A 154 -12.17 -12.62 -12.07
N PHE A 155 -12.67 -13.85 -12.17
CA PHE A 155 -12.09 -15.00 -11.48
C PHE A 155 -10.67 -15.28 -11.98
N GLY A 156 -9.76 -15.54 -11.04
CA GLY A 156 -8.35 -15.71 -11.37
C GLY A 156 -7.95 -17.10 -11.81
N ARG A 157 -8.71 -18.09 -11.38
CA ARG A 157 -8.47 -19.50 -11.75
C ARG A 157 -7.06 -19.97 -11.40
N TYR A 158 -6.69 -19.84 -10.13
CA TYR A 158 -5.41 -20.35 -9.65
C TYR A 158 -5.57 -21.80 -9.21
N LYS A 159 -4.45 -22.53 -9.17
CA LYS A 159 -4.47 -23.92 -8.74
C LYS A 159 -4.87 -24.04 -7.28
N LYS A 160 -4.22 -23.26 -6.42
CA LYS A 160 -4.49 -23.29 -5.00
C LYS A 160 -4.03 -22.01 -4.31
N PRO A 161 -4.94 -21.03 -4.19
CA PRO A 161 -4.65 -19.75 -3.53
C PRO A 161 -4.19 -19.94 -2.08
N TYR A 162 -3.15 -19.20 -1.70
CA TYR A 162 -2.54 -19.31 -0.38
C TYR A 162 -3.25 -18.44 0.65
N PHE A 163 -3.53 -19.02 1.81
CA PHE A 163 -4.11 -18.26 2.91
C PHE A 163 -3.00 -17.74 3.82
N PRO A 164 -2.78 -16.42 3.80
CA PRO A 164 -1.67 -15.77 4.50
C PRO A 164 -1.93 -15.61 6.00
N GLU A 165 -2.10 -16.71 6.71
CA GLU A 165 -2.43 -16.66 8.13
C GLU A 165 -1.30 -16.04 8.95
N ALA A 166 -0.07 -16.49 8.71
CA ALA A 166 1.09 -15.96 9.43
C ALA A 166 1.29 -14.48 9.13
N GLU A 167 1.16 -14.11 7.86
CA GLU A 167 1.32 -12.72 7.44
C GLU A 167 0.24 -11.83 8.05
N LEU A 168 -0.93 -12.41 8.31
CA LEU A 168 -2.03 -11.68 8.93
C LEU A 168 -1.73 -11.35 10.39
N TYR A 169 -1.29 -12.35 11.15
CA TYR A 169 -0.99 -12.16 12.57
C TYR A 169 0.21 -11.23 12.75
N HIS A 170 1.17 -11.30 11.84
CA HIS A 170 2.34 -10.44 11.91
C HIS A 170 1.95 -8.99 11.62
N PHE A 171 1.01 -8.81 10.70
CA PHE A 171 0.51 -7.48 10.37
C PHE A 171 -0.21 -6.88 11.57
N ALA A 172 -1.02 -7.71 12.23
CA ALA A 172 -1.83 -7.26 13.36
C ALA A 172 -0.96 -6.82 14.53
N GLU A 173 0.12 -7.56 14.78
CA GLU A 173 1.03 -7.23 15.87
C GLU A 173 1.76 -5.91 15.60
N LYS A 174 2.20 -5.72 14.36
CA LYS A 174 2.89 -4.48 14.00
C LYS A 174 1.92 -3.31 13.91
N ALA A 175 0.65 -3.60 13.62
CA ALA A 175 -0.35 -2.56 13.47
C ALA A 175 -0.71 -1.90 14.81
N GLN A 176 -0.30 -2.53 15.91
CA GLN A 176 -0.58 -2.00 17.24
C GLN A 176 0.15 -0.69 17.49
N ASN A 177 1.15 -0.40 16.66
CA ASN A 177 1.89 0.84 16.75
C ASN A 177 1.62 1.74 15.55
N ALA A 178 0.51 1.47 14.85
CA ALA A 178 0.19 2.21 13.64
C ALA A 178 -1.23 2.76 13.62
N PHE A 179 -1.40 3.91 12.98
CA PHE A 179 -2.73 4.46 12.75
C PHE A 179 -3.01 4.43 11.24
N PHE A 180 -4.23 4.04 10.90
CA PHE A 180 -4.63 3.93 9.49
C PHE A 180 -5.67 4.98 9.13
N TYR A 181 -5.37 5.75 8.08
CA TYR A 181 -6.28 6.79 7.63
C TYR A 181 -6.60 6.65 6.14
N CYS A 182 -7.86 6.84 5.79
CA CYS A 182 -8.24 6.88 4.38
C CYS A 182 -8.35 8.31 3.91
N GLU A 183 -7.29 8.79 3.25
CA GLU A 183 -7.22 10.17 2.81
C GLU A 183 -6.15 10.34 1.74
N SER A 184 -6.18 11.47 1.05
CA SER A 184 -5.22 11.75 0.00
C SER A 184 -3.85 12.09 0.59
N TYR A 185 -2.82 12.04 -0.25
CA TYR A 185 -1.44 12.24 0.21
C TYR A 185 -1.22 13.59 0.88
N ALA A 186 -1.88 14.62 0.36
CA ALA A 186 -1.72 15.98 0.87
C ALA A 186 -2.18 16.07 2.33
N ASP A 187 -3.23 15.33 2.66
CA ASP A 187 -3.79 15.36 4.01
C ASP A 187 -3.00 14.51 5.00
N SER A 188 -2.34 13.47 4.48
CA SER A 188 -1.60 12.55 5.35
C SER A 188 -0.19 13.07 5.65
N MET A 189 0.41 13.76 4.68
CA MET A 189 1.76 14.31 4.86
C MET A 189 1.74 15.48 5.82
N ALA A 190 0.56 16.06 6.03
CA ALA A 190 0.40 17.18 6.94
C ALA A 190 0.32 16.70 8.40
N ARG A 191 0.36 15.38 8.57
CA ARG A 191 0.38 14.80 9.86
C ARG A 191 1.79 14.65 10.35
N ALA A 192 2.75 14.79 9.47
CA ALA A 192 4.14 14.63 9.84
C ALA A 192 4.65 15.80 10.65
N ASP A 193 5.43 15.49 11.67
CA ASP A 193 6.13 16.49 12.45
C ASP A 193 7.62 16.16 12.52
N ASP A 194 8.34 16.86 13.37
CA ASP A 194 9.79 16.76 13.42
C ASP A 194 10.30 15.37 13.74
N SER A 195 9.62 14.66 14.61
CA SER A 195 9.94 13.27 14.87
C SER A 195 9.62 12.34 13.69
N SER A 196 8.84 12.83 12.74
CA SER A 196 8.42 12.06 11.59
C SER A 196 9.42 11.88 10.46
N VAL A 197 9.31 10.77 9.77
CA VAL A 197 9.96 10.56 8.48
C VAL A 197 8.92 10.14 7.47
N VAL A 198 8.97 10.74 6.28
CA VAL A 198 7.96 10.48 5.26
C VAL A 198 8.51 9.69 4.08
N TYR A 199 7.89 8.55 3.79
CA TYR A 199 8.23 7.79 2.59
C TYR A 199 7.04 7.75 1.64
N CYS A 200 7.26 8.23 0.41
CA CYS A 200 6.19 8.29 -0.57
C CYS A 200 6.41 7.28 -1.68
N ASP A 201 5.37 6.51 -2.00
CA ASP A 201 5.41 5.55 -3.09
C ASP A 201 4.20 5.73 -4.00
N PRO A 202 4.17 6.86 -4.74
CA PRO A 202 3.02 7.21 -5.57
C PRO A 202 2.91 6.28 -6.75
N PRO A 203 1.74 6.23 -7.39
CA PRO A 203 1.58 5.47 -8.63
C PRO A 203 2.67 5.84 -9.64
N TYR A 204 3.16 4.85 -10.38
CA TYR A 204 4.28 5.05 -11.29
C TYR A 204 4.04 6.15 -12.33
N ALA A 205 5.10 6.89 -12.63
CA ALA A 205 5.05 7.91 -13.67
C ALA A 205 5.05 7.25 -15.05
N PRO A 206 4.34 7.86 -16.01
CA PRO A 206 4.24 7.34 -17.37
C PRO A 206 5.59 7.10 -18.03
N LEU A 207 5.71 5.99 -18.76
CA LEU A 207 6.92 5.69 -19.51
C LEU A 207 6.80 6.18 -20.94
N SER A 208 5.61 6.69 -21.27
CA SER A 208 5.35 7.21 -22.61
C SER A 208 4.15 8.17 -22.59
N SER A 220 -7.23 8.38 -12.29
CA SER A 220 -5.96 7.81 -11.84
C SER A 220 -5.07 8.89 -11.22
N PHE A 221 -3.77 8.72 -11.36
CA PHE A 221 -2.80 9.67 -10.81
C PHE A 221 -2.24 10.55 -11.92
N THR A 222 -2.61 11.83 -11.90
CA THR A 222 -2.25 12.76 -12.96
C THR A 222 -0.82 13.29 -12.81
N LEU A 223 -0.36 14.00 -13.83
CA LEU A 223 0.98 14.59 -13.82
C LEU A 223 1.05 15.74 -12.82
N GLU A 224 -0.06 16.45 -12.65
CA GLU A 224 -0.13 17.55 -11.70
C GLU A 224 0.07 17.06 -10.27
N GLN A 225 -0.54 15.92 -9.96
CA GLN A 225 -0.41 15.33 -8.62
C GLN A 225 1.01 14.86 -8.36
N GLN A 226 1.69 14.44 -9.42
CA GLN A 226 3.08 14.02 -9.33
C GLN A 226 3.98 15.19 -8.94
N ALA A 227 3.82 16.30 -9.64
CA ALA A 227 4.60 17.51 -9.36
C ALA A 227 4.19 18.13 -8.02
N HIS A 228 2.91 18.02 -7.69
CA HIS A 228 2.40 18.53 -6.42
C HIS A 228 3.01 17.78 -5.25
N LEU A 229 3.20 16.48 -5.42
CA LEU A 229 3.80 15.65 -4.39
C LEU A 229 5.24 16.09 -4.11
N ALA A 230 5.95 16.44 -5.16
CA ALA A 230 7.33 16.90 -5.04
C ALA A 230 7.39 18.24 -4.32
N GLU A 231 6.40 19.10 -4.58
CA GLU A 231 6.35 20.42 -3.96
C GLU A 231 6.03 20.30 -2.46
N ILE A 232 5.12 19.39 -2.12
CA ILE A 232 4.78 19.14 -0.73
C ILE A 232 6.00 18.60 0.01
N ALA A 233 6.78 17.77 -0.67
CA ALA A 233 8.01 17.22 -0.12
C ALA A 233 9.00 18.32 0.22
N GLU A 234 9.12 19.31 -0.66
CA GLU A 234 10.02 20.43 -0.46
C GLU A 234 9.53 21.34 0.67
N GLY A 235 8.23 21.29 0.93
CA GLY A 235 7.63 22.05 2.01
C GLY A 235 7.97 21.45 3.35
N LEU A 236 7.94 20.11 3.42
CA LEU A 236 8.24 19.40 4.65
C LEU A 236 9.71 19.50 5.02
N VAL A 237 10.58 19.46 4.01
CA VAL A 237 12.01 19.51 4.24
C VAL A 237 12.42 20.91 4.70
N GLU A 238 11.57 21.89 4.45
CA GLU A 238 11.79 23.25 4.93
C GLU A 238 11.48 23.33 6.42
N ARG A 239 10.61 22.43 6.87
CA ARG A 239 10.28 22.34 8.29
C ARG A 239 11.09 21.23 8.96
N HIS A 240 12.24 20.91 8.35
CA HIS A 240 13.15 19.89 8.86
C HIS A 240 12.48 18.53 8.99
N ILE A 241 11.73 18.14 7.95
CA ILE A 241 11.10 16.82 7.91
C ILE A 241 11.62 16.04 6.70
N PRO A 242 12.37 14.97 6.94
CA PRO A 242 12.96 14.15 5.88
C PRO A 242 11.91 13.43 5.03
N VAL A 243 12.05 13.52 3.71
CA VAL A 243 11.11 12.88 2.79
C VAL A 243 11.84 12.05 1.74
N LEU A 244 11.40 10.80 1.57
CA LEU A 244 11.97 9.92 0.56
C LEU A 244 10.91 9.47 -0.44
N ILE A 245 11.17 9.69 -1.72
CA ILE A 245 10.22 9.34 -2.77
C ILE A 245 10.82 8.36 -3.78
N SER A 246 10.09 7.29 -4.05
CA SER A 246 10.52 6.30 -5.03
C SER A 246 9.63 6.36 -6.28
N ASN A 247 10.26 6.28 -7.45
CA ASN A 247 9.54 6.36 -8.71
C ASN A 247 10.42 5.89 -9.87
N HIS A 248 9.84 5.79 -11.06
CA HIS A 248 10.61 5.47 -12.26
C HIS A 248 11.64 6.55 -12.54
N ASP A 249 12.74 6.16 -13.17
CA ASP A 249 13.78 7.12 -13.54
C ASP A 249 13.56 7.62 -14.96
N THR A 250 12.79 8.70 -15.09
CA THR A 250 12.51 9.30 -16.39
C THR A 250 12.94 10.75 -16.42
N MET A 251 12.58 11.46 -17.47
CA MET A 251 12.89 12.87 -17.61
C MET A 251 12.02 13.72 -16.69
N LEU A 252 10.75 13.32 -16.57
CA LEU A 252 9.79 14.06 -15.76
C LEU A 252 10.09 13.93 -14.26
N THR A 253 10.51 12.73 -13.85
CA THR A 253 10.76 12.47 -12.44
C THR A 253 12.04 13.13 -11.95
N ARG A 254 13.02 13.20 -12.83
CA ARG A 254 14.27 13.88 -12.58
C ARG A 254 14.06 15.39 -12.43
N GLU A 255 13.21 15.94 -13.28
CA GLU A 255 12.77 17.32 -13.14
C GLU A 255 11.97 17.59 -11.86
N TRP A 256 11.03 16.72 -11.52
CA TRP A 256 10.18 16.90 -10.37
C TRP A 256 10.95 16.88 -9.08
N TYR A 257 11.95 16.01 -8.99
CA TYR A 257 12.69 15.78 -7.77
C TYR A 257 14.05 16.48 -7.77
N GLN A 258 14.14 17.55 -8.53
CA GLN A 258 15.38 18.24 -8.79
C GLN A 258 16.03 18.69 -7.50
N ARG A 259 15.24 19.12 -6.54
CA ARG A 259 15.81 19.64 -5.30
C ARG A 259 16.06 18.53 -4.28
N ALA A 260 16.19 17.29 -4.76
CA ALA A 260 16.42 16.16 -3.88
C ALA A 260 17.73 15.44 -4.21
N LYS A 261 18.34 14.84 -3.20
CA LYS A 261 19.54 14.03 -3.41
C LYS A 261 19.14 12.72 -4.08
N LEU A 262 19.39 12.64 -5.38
CA LEU A 262 18.91 11.52 -6.18
C LEU A 262 19.84 10.31 -6.16
N HIS A 263 19.24 9.13 -6.12
CA HIS A 263 19.98 7.87 -6.20
C HIS A 263 19.31 6.94 -7.19
N VAL A 264 20.11 6.38 -8.11
CA VAL A 264 19.58 5.51 -9.15
C VAL A 264 19.88 4.04 -8.85
N VAL A 265 18.83 3.22 -8.86
CA VAL A 265 18.99 1.78 -8.69
C VAL A 265 18.67 1.06 -10.00
N LYS A 266 19.60 0.20 -10.43
CA LYS A 266 19.45 -0.49 -11.71
C LYS A 266 18.58 -1.75 -11.58
N VAL A 267 17.40 -1.69 -12.18
CA VAL A 267 16.47 -2.82 -12.15
C VAL A 267 16.32 -3.45 -13.52
N LYS A 279 11.51 -1.19 -22.96
CA LYS A 279 12.79 -0.56 -22.66
C LYS A 279 13.23 -0.85 -21.23
N LYS A 280 14.52 -0.70 -20.98
CA LYS A 280 15.09 -0.95 -19.65
C LYS A 280 14.97 0.30 -18.78
N VAL A 281 13.95 0.33 -17.93
CA VAL A 281 13.72 1.47 -17.05
C VAL A 281 14.20 1.19 -15.62
N ASP A 282 14.99 2.10 -15.08
CA ASP A 282 15.49 1.97 -13.71
C ASP A 282 14.61 2.76 -12.75
N GLU A 283 14.78 2.53 -11.45
CA GLU A 283 14.02 3.24 -10.43
C GLU A 283 14.83 4.37 -9.81
N LEU A 284 14.14 5.42 -9.38
CA LEU A 284 14.77 6.57 -8.78
C LEU A 284 14.34 6.78 -7.34
N LEU A 285 15.31 7.01 -6.46
CA LEU A 285 15.02 7.29 -5.05
C LEU A 285 15.38 8.73 -4.71
N ALA A 286 14.38 9.58 -4.61
CA ALA A 286 14.58 11.00 -4.33
C ALA A 286 14.58 11.27 -2.83
N LEU A 287 15.69 11.79 -2.32
CA LEU A 287 15.82 12.04 -0.90
C LEU A 287 15.88 13.53 -0.57
N TYR A 288 14.88 14.00 0.17
CA TYR A 288 14.85 15.38 0.64
C TYR A 288 15.34 15.45 2.09
N LYS A 289 16.65 15.61 2.26
CA LYS A 289 17.23 15.68 3.60
C LYS A 289 17.30 17.11 4.11
N PRO A 290 16.81 17.34 5.33
CA PRO A 290 16.81 18.66 5.98
C PRO A 290 18.20 19.27 6.10
#